data_3MQK
#
_entry.id   3MQK
#
_cell.length_a   105.696
_cell.length_b   105.696
_cell.length_c   243.925
_cell.angle_alpha   90.00
_cell.angle_beta   90.00
_cell.angle_gamma   120.00
#
_symmetry.space_group_name_H-M   'P 65 2 2'
#
loop_
_entity.id
_entity.type
_entity.pdbx_description
1 polymer 'tRNA pseudouridine synthase B'
2 polymer 'Ribosome biogenesis protein Nop10'
3 polymer 'Small nucleolar rnp gar1-like protein'
4 polymer "RNA (5'-R(P*GP*UP*UP*CP*GP*AP*UP*CP*CP*AP*CP*AP*G)-3')"
5 polymer "RNA (5'-R(P*CP*GP*AP*UP*CP*CP*AP*CP*A)-3')"
#
loop_
_entity_poly.entity_id
_entity_poly.type
_entity_poly.pdbx_seq_one_letter_code
_entity_poly.pdbx_strand_id
1 'polypeptide(L)'
;RILPADIKREVLIKDENAETNPDWGFPPEKRPIEMHIQFGVINLDKPPGPTSHEVVAWIKKILNLEKAGHGGTLDPKVSG
VLPVALEKATRVVQALLPAGKEYVALMHLHGDVPEDKIIQVMKEFEGEIIQRPPLRSAVKRRLRTRKVYYIEVLEIEGRD
VLFRVGVEAGTYIRSLIHHIGLALGVGAHMSELRRTRSGPFKEDETLITLHDLVDYYYFWKEDGIEEYFRKAIQPMEKAV
EHLPKVWIKDSAVAAVTHGADLAVPGIAKLHAGIKRGDLVAIMTLKDELVALGKAMMTSQEMLEKTKGIAVDVEKVFMPR
DWYPKLWE
;
A
2 'polypeptide(L)' RIRKCPKCGRYTLKEVCPVCGEKTKVAHPPRFSPEDPYGEYRRRWKREVLGI B
3 'polypeptide(L)' MKRLGKVLHYAKQGFLIVRTNWVPSLNDRVVDKRLQFVGIVKDVFGPVKMPYVAIKPKVSNPEIYVGEVLYVDER C
4 'polyribonucleotide' GUUCGAUCCACAG D
5 'polyribonucleotide' CGAUCCACA E
#
# COMPACT_ATOMS: atom_id res chain seq x y z
N ARG A 1 -14.64 4.27 0.81
CA ARG A 1 -14.45 4.76 2.17
C ARG A 1 -13.48 3.84 2.95
N ILE A 2 -13.16 2.71 2.30
CA ILE A 2 -12.18 1.73 2.81
C ILE A 2 -11.54 0.90 1.68
N LEU A 3 -10.40 0.29 2.00
CA LEU A 3 -9.66 -0.55 1.06
C LEU A 3 -10.38 -1.87 0.76
N PRO A 4 -9.97 -2.57 -0.31
CA PRO A 4 -10.50 -3.90 -0.65
C PRO A 4 -10.14 -4.94 0.39
N ALA A 5 -8.90 -4.91 0.88
CA ALA A 5 -8.55 -5.73 2.04
C ALA A 5 -9.74 -5.81 2.97
N ASP A 6 -10.13 -4.66 3.51
CA ASP A 6 -11.24 -4.53 4.45
C ASP A 6 -12.54 -5.30 4.17
N ILE A 7 -12.76 -5.79 2.94
CA ILE A 7 -14.00 -6.53 2.69
C ILE A 7 -13.83 -7.98 3.17
N LYS A 8 -14.73 -8.43 4.03
CA LYS A 8 -14.59 -9.79 4.53
C LYS A 8 -15.27 -10.83 3.63
N ARG A 9 -14.48 -11.80 3.19
CA ARG A 9 -14.98 -12.90 2.39
C ARG A 9 -15.73 -13.92 3.25
N GLU A 10 -16.58 -14.72 2.61
CA GLU A 10 -17.31 -15.78 3.28
C GLU A 10 -16.47 -17.04 3.28
N VAL A 11 -16.65 -17.89 4.27
CA VAL A 11 -15.87 -19.12 4.35
C VAL A 11 -16.70 -20.36 4.06
N LEU A 12 -16.42 -21.00 2.92
CA LEU A 12 -17.16 -22.20 2.53
C LEU A 12 -16.54 -23.45 3.11
N ILE A 13 -17.34 -24.26 3.80
CA ILE A 13 -16.82 -25.53 4.31
C ILE A 13 -16.94 -26.65 3.27
N LYS A 14 -15.81 -27.27 2.93
CA LYS A 14 -15.81 -28.40 2.00
C LYS A 14 -15.79 -29.75 2.73
N ASP A 15 -14.88 -29.91 3.69
CA ASP A 15 -14.81 -31.12 4.51
C ASP A 15 -15.10 -30.79 5.97
N GLU A 16 -16.38 -30.87 6.36
CA GLU A 16 -16.85 -30.47 7.68
C GLU A 16 -16.41 -31.42 8.79
N ASN A 17 -15.79 -32.53 8.40
CA ASN A 17 -15.26 -33.46 9.40
C ASN A 17 -13.76 -33.35 9.60
N ALA A 18 -13.15 -32.36 8.97
CA ALA A 18 -11.70 -32.18 9.02
C ALA A 18 -11.24 -31.68 10.37
N GLU A 19 -10.14 -32.27 10.84
CA GLU A 19 -9.62 -31.97 12.15
C GLU A 19 -8.11 -31.89 12.02
N THR A 20 -7.42 -31.46 13.07
CA THR A 20 -5.98 -31.30 12.95
C THR A 20 -5.27 -31.83 14.18
N ASN A 21 -4.09 -32.41 13.96
CA ASN A 21 -3.29 -32.97 15.03
C ASN A 21 -2.47 -31.87 15.72
N PRO A 22 -2.66 -31.71 17.03
CA PRO A 22 -1.90 -30.69 17.78
C PRO A 22 -0.38 -30.94 17.77
N ASP A 23 0.04 -32.20 17.59
CA ASP A 23 1.46 -32.52 17.58
C ASP A 23 2.19 -31.95 16.36
N TRP A 24 1.44 -31.66 15.29
CA TRP A 24 2.07 -31.22 14.05
C TRP A 24 1.97 -29.71 13.86
N GLY A 25 3.04 -29.12 13.34
CA GLY A 25 3.07 -27.70 13.16
C GLY A 25 3.21 -26.88 14.44
N PHE A 26 2.84 -25.62 14.31
CA PHE A 26 3.01 -24.60 15.33
C PHE A 26 2.11 -23.46 14.93
N PRO A 27 0.98 -23.31 15.62
CA PRO A 27 0.24 -22.05 15.60
C PRO A 27 1.18 -20.86 15.90
N PRO A 28 1.02 -19.72 15.22
CA PRO A 28 1.83 -18.50 15.44
C PRO A 28 2.02 -18.16 16.92
N GLU A 29 0.91 -18.17 17.67
CA GLU A 29 0.91 -17.87 19.10
C GLU A 29 1.97 -18.64 19.88
N LYS A 30 1.92 -19.97 19.78
CA LYS A 30 2.85 -20.81 20.52
C LYS A 30 4.11 -21.19 19.73
N ARG A 31 4.77 -20.20 19.15
CA ARG A 31 6.05 -20.41 18.46
C ARG A 31 7.19 -20.01 19.37
N PRO A 32 8.26 -20.83 19.45
CA PRO A 32 9.39 -20.40 20.29
C PRO A 32 10.06 -19.15 19.72
N ILE A 33 10.34 -18.16 20.56
CA ILE A 33 10.96 -16.89 20.16
C ILE A 33 11.92 -16.94 18.94
N GLU A 34 12.91 -17.82 18.96
CA GLU A 34 13.85 -17.87 17.83
C GLU A 34 13.12 -18.24 16.54
N MET A 35 12.14 -19.14 16.66
CA MET A 35 11.32 -19.54 15.53
C MET A 35 10.37 -18.42 15.12
N HIS A 36 9.77 -17.78 16.12
CA HIS A 36 8.95 -16.59 15.92
C HIS A 36 9.68 -15.60 15.03
N ILE A 37 10.93 -15.32 15.34
CA ILE A 37 11.77 -14.42 14.54
C ILE A 37 11.97 -14.93 13.11
N GLN A 38 12.18 -16.24 12.99
CA GLN A 38 12.53 -16.83 11.71
C GLN A 38 11.35 -16.72 10.74
N PHE A 39 10.17 -16.52 11.29
CA PHE A 39 8.96 -16.41 10.49
C PHE A 39 8.17 -15.16 10.81
N GLY A 40 8.88 -14.04 10.98
CA GLY A 40 8.25 -12.86 11.50
C GLY A 40 8.15 -11.70 10.53
N VAL A 41 7.27 -10.76 10.87
CA VAL A 41 7.16 -9.49 10.19
C VAL A 41 7.05 -8.38 11.24
N ILE A 42 7.78 -7.29 11.02
CA ILE A 42 7.73 -6.16 11.92
C ILE A 42 6.86 -5.11 11.29
N ASN A 43 5.82 -4.68 12.01
CA ASN A 43 5.07 -3.51 11.57
C ASN A 43 5.87 -2.24 11.92
N LEU A 44 6.88 -1.94 11.11
CA LEU A 44 7.79 -0.84 11.38
C LEU A 44 7.29 0.55 10.99
N ASP A 45 7.61 1.53 11.83
CA ASP A 45 7.29 2.92 11.58
C ASP A 45 8.55 3.64 11.13
N LYS A 46 8.76 3.72 9.82
CA LYS A 46 10.02 4.27 9.32
C LYS A 46 10.12 5.77 9.55
N PRO A 47 11.33 6.22 9.88
CA PRO A 47 11.70 7.61 10.17
C PRO A 47 11.91 8.34 8.86
N PRO A 48 11.66 9.65 8.86
CA PRO A 48 12.07 10.49 7.73
C PRO A 48 13.58 10.38 7.64
N GLY A 49 14.12 10.34 6.44
CA GLY A 49 15.57 10.30 6.28
C GLY A 49 16.12 9.20 5.39
N PRO A 50 16.07 7.96 5.88
CA PRO A 50 16.66 6.85 5.13
C PRO A 50 15.79 6.33 3.99
N THR A 51 16.44 5.59 3.11
CA THR A 51 15.75 4.87 2.09
C THR A 51 15.24 3.61 2.73
N SER A 52 14.15 3.09 2.19
CA SER A 52 13.58 1.87 2.73
C SER A 52 14.62 0.77 2.77
N HIS A 53 15.50 0.71 1.77
CA HIS A 53 16.51 -0.35 1.77
C HIS A 53 17.52 -0.20 2.90
N GLU A 54 17.93 1.04 3.18
CA GLU A 54 18.87 1.30 4.26
C GLU A 54 18.30 0.85 5.59
N VAL A 55 17.04 1.19 5.82
CA VAL A 55 16.33 0.79 7.02
C VAL A 55 16.41 -0.73 7.23
N VAL A 56 15.94 -1.49 6.24
CA VAL A 56 16.07 -2.95 6.27
C VAL A 56 17.52 -3.40 6.52
N ALA A 57 18.44 -2.83 5.73
CA ALA A 57 19.87 -3.06 5.92
C ALA A 57 20.30 -2.95 7.38
N TRP A 58 19.87 -1.87 8.05
CA TRP A 58 20.17 -1.67 9.46
C TRP A 58 19.58 -2.78 10.30
N ILE A 59 18.30 -3.05 10.07
CA ILE A 59 17.63 -4.10 10.82
C ILE A 59 18.41 -5.42 10.70
N LYS A 60 18.80 -5.77 9.48
CA LYS A 60 19.66 -6.93 9.25
C LYS A 60 20.87 -6.93 10.20
N LYS A 61 21.71 -5.91 10.08
CA LYS A 61 22.91 -5.81 10.91
C LYS A 61 22.62 -5.87 12.41
N ILE A 62 21.63 -5.12 12.86
CA ILE A 62 21.43 -4.97 14.29
C ILE A 62 20.82 -6.22 14.92
N LEU A 63 20.00 -6.93 14.17
CA LEU A 63 19.43 -8.17 14.69
C LEU A 63 20.20 -9.43 14.24
N ASN A 64 21.16 -9.24 13.34
CA ASN A 64 21.99 -10.34 12.83
C ASN A 64 21.18 -11.36 12.03
N LEU A 65 20.38 -10.83 11.12
CA LEU A 65 19.54 -11.61 10.23
C LEU A 65 20.33 -11.86 8.97
N GLU A 66 20.08 -12.99 8.32
CA GLU A 66 20.79 -13.32 7.10
C GLU A 66 20.11 -12.67 5.93
N LYS A 67 18.83 -12.33 6.11
CA LYS A 67 18.09 -11.63 5.08
C LYS A 67 16.74 -11.10 5.54
N ALA A 68 16.27 -10.10 4.84
CA ALA A 68 14.99 -9.48 5.12
C ALA A 68 14.58 -8.61 3.94
N GLY A 69 13.34 -8.14 3.94
CA GLY A 69 12.89 -7.24 2.90
C GLY A 69 11.68 -6.45 3.36
N HIS A 70 11.30 -5.44 2.58
CA HIS A 70 10.21 -4.56 2.95
C HIS A 70 9.00 -4.69 2.03
N GLY A 71 7.84 -4.25 2.51
CA GLY A 71 6.57 -4.46 1.84
C GLY A 71 5.99 -3.22 1.18
N GLY A 72 6.74 -2.64 0.26
CA GLY A 72 6.30 -1.48 -0.47
C GLY A 72 7.21 -0.35 -0.09
N THR A 73 7.90 0.22 -1.08
CA THR A 73 8.91 1.25 -0.85
C THR A 73 8.35 2.61 -0.39
N LEU A 74 8.98 3.18 0.63
CA LEU A 74 8.70 4.56 1.03
C LEU A 74 9.88 5.43 0.63
N ASP A 75 9.60 6.58 0.03
CA ASP A 75 10.65 7.53 -0.32
C ASP A 75 11.27 8.13 0.94
N PRO A 76 12.56 8.43 0.89
CA PRO A 76 13.35 8.92 2.03
C PRO A 76 12.71 10.03 2.89
N LYS A 77 12.00 11.00 2.29
CA LYS A 77 11.33 12.04 3.08
C LYS A 77 10.05 11.55 3.76
N VAL A 78 9.65 10.31 3.47
CA VAL A 78 8.38 9.77 3.96
C VAL A 78 8.54 8.86 5.20
N SER A 79 7.57 8.96 6.11
CA SER A 79 7.53 8.10 7.29
C SER A 79 6.30 7.20 7.27
N GLY A 80 6.24 6.29 8.24
CA GLY A 80 5.04 5.50 8.45
C GLY A 80 5.21 4.01 8.22
N VAL A 81 4.09 3.35 7.99
CA VAL A 81 4.01 1.89 7.95
C VAL A 81 4.88 1.23 6.90
N LEU A 82 5.92 0.55 7.36
CA LEU A 82 6.84 -0.16 6.47
C LEU A 82 7.05 -1.58 6.96
N PRO A 83 6.23 -2.51 6.47
CA PRO A 83 6.33 -3.90 6.94
C PRO A 83 7.65 -4.49 6.53
N VAL A 84 8.36 -5.11 7.46
CA VAL A 84 9.64 -5.73 7.17
C VAL A 84 9.60 -7.21 7.54
N ALA A 85 9.58 -8.08 6.53
CA ALA A 85 9.52 -9.51 6.75
C ALA A 85 10.95 -9.99 6.97
N LEU A 86 11.13 -10.90 7.92
CA LEU A 86 12.47 -11.34 8.27
C LEU A 86 12.76 -12.77 7.85
N GLU A 87 14.03 -13.03 7.54
CA GLU A 87 14.55 -14.39 7.39
C GLU A 87 13.70 -15.26 6.49
N LYS A 88 13.24 -16.36 7.03
CA LYS A 88 12.44 -17.28 6.22
C LYS A 88 11.08 -16.71 5.75
N ALA A 89 10.59 -15.67 6.40
CA ALA A 89 9.33 -15.02 6.02
C ALA A 89 9.55 -13.95 4.98
N THR A 90 10.81 -13.70 4.67
CA THR A 90 11.18 -12.58 3.80
C THR A 90 10.33 -12.45 2.53
N ARG A 91 10.24 -13.51 1.74
CA ARG A 91 9.40 -13.52 0.54
C ARG A 91 7.91 -13.13 0.73
N VAL A 92 7.35 -13.10 1.95
CA VAL A 92 5.89 -12.79 2.05
C VAL A 92 5.54 -11.40 1.57
N VAL A 93 6.56 -10.58 1.35
CA VAL A 93 6.33 -9.22 0.90
C VAL A 93 5.61 -9.25 -0.44
N GLN A 94 5.79 -10.32 -1.20
CA GLN A 94 5.05 -10.49 -2.44
C GLN A 94 3.53 -10.33 -2.23
N ALA A 95 3.00 -10.70 -1.08
CA ALA A 95 1.57 -10.59 -0.86
C ALA A 95 1.18 -9.18 -0.49
N LEU A 96 2.17 -8.37 -0.16
CA LEU A 96 1.96 -7.02 0.33
C LEU A 96 2.00 -5.99 -0.79
N LEU A 97 2.92 -6.19 -1.73
CA LEU A 97 3.16 -5.22 -2.81
C LEU A 97 1.88 -4.80 -3.57
N PRO A 98 1.06 -5.76 -4.01
CA PRO A 98 -0.25 -5.54 -4.63
C PRO A 98 -1.25 -4.84 -3.73
N ALA A 99 -1.02 -4.85 -2.42
CA ALA A 99 -2.03 -4.48 -1.45
C ALA A 99 -2.35 -2.98 -1.41
N GLY A 100 -3.58 -2.63 -1.06
CA GLY A 100 -3.97 -1.23 -1.02
C GLY A 100 -3.30 -0.49 0.12
N LYS A 101 -3.00 0.79 -0.09
CA LYS A 101 -2.30 1.63 0.88
C LYS A 101 -3.13 2.85 1.29
N GLU A 102 -2.83 3.40 2.47
CA GLU A 102 -3.47 4.64 2.94
C GLU A 102 -2.42 5.63 3.41
N TYR A 103 -2.59 6.89 3.01
CA TYR A 103 -1.63 7.92 3.39
C TYR A 103 -2.33 9.12 3.99
N VAL A 104 -1.55 9.92 4.69
CA VAL A 104 -1.97 11.23 5.12
C VAL A 104 -1.02 12.21 4.43
N ALA A 105 -1.58 13.16 3.69
CA ALA A 105 -0.76 14.03 2.86
C ALA A 105 -0.92 15.51 3.20
N LEU A 106 0.12 16.28 2.90
CA LEU A 106 0.05 17.72 2.95
C LEU A 106 0.31 18.26 1.56
N MET A 107 -0.70 18.89 0.98
CA MET A 107 -0.51 19.58 -0.29
C MET A 107 -0.31 21.07 -0.08
N HIS A 108 0.74 21.61 -0.67
CA HIS A 108 0.89 23.06 -0.75
C HIS A 108 0.54 23.58 -2.14
N LEU A 109 -0.43 24.48 -2.19
CA LEU A 109 -0.89 25.09 -3.43
C LEU A 109 0.01 26.27 -3.81
N HIS A 110 0.15 26.56 -5.10
CA HIS A 110 1.00 27.67 -5.54
C HIS A 110 0.27 29.02 -5.71
N GLY A 111 -1.02 29.04 -5.44
CA GLY A 111 -1.80 30.26 -5.50
C GLY A 111 -3.01 30.10 -4.60
N ASP A 112 -3.92 31.06 -4.62
CA ASP A 112 -5.04 30.99 -3.70
C ASP A 112 -6.31 30.49 -4.36
N VAL A 113 -6.98 29.56 -3.69
CA VAL A 113 -8.18 28.91 -4.20
C VAL A 113 -9.17 28.81 -3.06
N PRO A 114 -10.46 29.04 -3.34
CA PRO A 114 -11.48 28.90 -2.27
C PRO A 114 -11.58 27.43 -1.84
N GLU A 115 -12.08 27.18 -0.65
CA GLU A 115 -12.19 25.81 -0.14
C GLU A 115 -13.27 25.01 -0.85
N ASP A 116 -14.42 25.63 -1.11
CA ASP A 116 -15.52 24.98 -1.79
C ASP A 116 -15.01 24.30 -3.06
N LYS A 117 -14.09 24.99 -3.74
CA LYS A 117 -13.55 24.49 -4.99
C LYS A 117 -12.49 23.40 -4.76
N ILE A 118 -11.70 23.56 -3.71
CA ILE A 118 -10.68 22.57 -3.36
C ILE A 118 -11.33 21.22 -3.02
N ILE A 119 -12.42 21.26 -2.26
CA ILE A 119 -13.16 20.05 -1.93
C ILE A 119 -13.76 19.44 -3.19
N GLN A 120 -14.37 20.28 -4.03
CA GLN A 120 -15.09 19.78 -5.21
C GLN A 120 -14.15 19.12 -6.21
N VAL A 121 -13.05 19.78 -6.53
CA VAL A 121 -12.10 19.21 -7.47
C VAL A 121 -11.50 17.93 -6.92
N MET A 122 -11.19 17.92 -5.63
CA MET A 122 -10.58 16.74 -5.04
C MET A 122 -11.44 15.49 -5.09
N LYS A 123 -12.75 15.65 -5.21
CA LYS A 123 -13.60 14.47 -5.28
C LYS A 123 -13.74 13.97 -6.72
N GLU A 124 -13.30 14.78 -7.68
CA GLU A 124 -13.25 14.33 -9.07
C GLU A 124 -12.28 13.15 -9.15
N PHE A 125 -11.27 13.21 -8.27
CA PHE A 125 -10.18 12.24 -8.28
C PHE A 125 -10.40 10.91 -7.52
N GLU A 126 -11.55 10.75 -6.85
CA GLU A 126 -11.94 9.42 -6.38
C GLU A 126 -12.44 8.57 -7.54
N GLY A 127 -11.98 7.32 -7.61
CA GLY A 127 -12.42 6.40 -8.64
C GLY A 127 -11.24 5.90 -9.46
N GLU A 128 -11.53 5.42 -10.66
CA GLU A 128 -10.45 5.01 -11.56
C GLU A 128 -9.85 6.26 -12.23
N ILE A 129 -8.59 6.52 -11.95
CA ILE A 129 -7.90 7.66 -12.54
C ILE A 129 -6.74 7.24 -13.43
N ILE A 130 -6.41 8.11 -14.38
CA ILE A 130 -5.41 7.87 -15.39
C ILE A 130 -4.01 8.19 -14.85
N GLN A 131 -3.08 7.26 -15.00
CA GLN A 131 -1.72 7.52 -14.55
C GLN A 131 -0.82 8.03 -15.68
N ARG A 132 -0.37 7.11 -16.53
CA ARG A 132 0.38 7.47 -17.72
C ARG A 132 -0.57 7.62 -18.92
N PRO A 133 -0.56 8.80 -19.55
CA PRO A 133 -1.26 9.01 -20.82
C PRO A 133 -0.79 7.99 -21.85
N PRO A 134 -1.71 7.53 -22.70
CA PRO A 134 -1.33 6.50 -23.66
C PRO A 134 -0.39 7.06 -24.70
N LEU A 135 0.28 6.19 -25.43
CA LEU A 135 1.06 6.61 -26.59
C LEU A 135 0.34 6.31 -27.90
N ARG A 136 0.39 7.29 -28.81
CA ARG A 136 -0.03 7.14 -30.19
C ARG A 136 0.06 5.69 -30.67
N SER A 137 -1.07 5.07 -31.00
CA SER A 137 -1.00 3.70 -31.48
C SER A 137 -1.87 3.43 -32.72
N ALA A 138 -1.47 2.44 -33.52
CA ALA A 138 -2.25 2.03 -34.69
C ALA A 138 -3.21 0.92 -34.28
N VAL A 139 -3.11 0.51 -33.02
CA VAL A 139 -3.96 -0.55 -32.47
C VAL A 139 -4.44 -0.18 -31.05
N LYS A 140 -5.61 -0.68 -30.68
CA LYS A 140 -6.16 -0.47 -29.34
C LYS A 140 -5.17 -0.93 -28.27
N ARG A 141 -4.57 0.01 -27.55
CA ARG A 141 -3.58 -0.34 -26.53
C ARG A 141 -4.13 -0.35 -25.10
N ARG A 142 -3.33 -0.86 -24.17
CA ARG A 142 -3.68 -0.84 -22.75
C ARG A 142 -3.36 0.54 -22.17
N LEU A 143 -4.24 1.00 -21.30
CA LEU A 143 -4.13 2.32 -20.70
C LEU A 143 -3.85 2.16 -19.20
N ARG A 144 -2.84 2.86 -18.70
CA ARG A 144 -2.45 2.72 -17.28
C ARG A 144 -3.34 3.49 -16.30
N THR A 145 -4.18 2.77 -15.55
CA THR A 145 -5.04 3.39 -14.54
C THR A 145 -4.95 2.74 -13.16
N ARG A 146 -5.03 3.57 -12.13
CA ARG A 146 -5.06 3.14 -10.72
C ARG A 146 -6.33 3.66 -10.06
N LYS A 147 -6.77 2.98 -9.01
CA LYS A 147 -8.00 3.37 -8.31
C LYS A 147 -7.66 4.18 -7.07
N VAL A 148 -8.37 5.27 -6.86
CA VAL A 148 -8.30 5.99 -5.61
C VAL A 148 -9.57 5.66 -4.88
N TYR A 149 -9.46 4.93 -3.78
CA TYR A 149 -10.64 4.41 -3.12
C TYR A 149 -11.38 5.50 -2.36
N TYR A 150 -10.63 6.42 -1.77
CA TYR A 150 -11.22 7.55 -1.05
C TYR A 150 -10.25 8.68 -0.89
N ILE A 151 -10.78 9.90 -0.99
CA ILE A 151 -10.06 11.09 -0.56
C ILE A 151 -10.91 11.79 0.48
N GLU A 152 -10.34 11.95 1.68
CA GLU A 152 -10.99 12.62 2.78
C GLU A 152 -10.15 13.81 3.17
N VAL A 153 -10.66 15.02 2.90
CA VAL A 153 -9.94 16.22 3.29
C VAL A 153 -10.09 16.50 4.80
N LEU A 154 -8.97 16.51 5.50
CA LEU A 154 -8.99 16.64 6.95
C LEU A 154 -9.19 18.08 7.39
N GLU A 155 -8.32 18.97 6.95
CA GLU A 155 -8.50 20.39 7.22
C GLU A 155 -7.78 21.26 6.20
N ILE A 156 -8.20 22.51 6.09
CA ILE A 156 -7.61 23.46 5.16
C ILE A 156 -7.26 24.76 5.85
N GLU A 157 -5.96 25.08 5.87
CA GLU A 157 -5.51 26.38 6.32
C GLU A 157 -4.71 27.10 5.22
N GLY A 158 -5.40 28.00 4.52
CA GLY A 158 -4.78 28.87 3.54
C GLY A 158 -4.45 28.16 2.24
N ARG A 159 -3.16 28.11 1.92
CA ARG A 159 -2.69 27.37 0.76
C ARG A 159 -2.39 25.91 1.10
N ASP A 160 -2.42 25.57 2.39
CA ASP A 160 -2.01 24.24 2.83
C ASP A 160 -3.20 23.32 3.07
N VAL A 161 -3.21 22.18 2.37
CA VAL A 161 -4.29 21.20 2.47
C VAL A 161 -3.82 19.83 2.99
N LEU A 162 -4.48 19.37 4.06
CA LEU A 162 -4.17 18.08 4.68
C LEU A 162 -5.28 17.06 4.44
N PHE A 163 -4.99 15.97 3.73
CA PHE A 163 -6.01 14.96 3.45
C PHE A 163 -5.53 13.55 3.67
N ARG A 164 -6.49 12.65 3.89
CA ARG A 164 -6.23 11.23 4.00
C ARG A 164 -6.61 10.59 2.66
N VAL A 165 -5.75 9.73 2.13
CA VAL A 165 -6.07 9.07 0.87
C VAL A 165 -5.78 7.56 0.88
N GLY A 166 -6.77 6.78 0.44
CA GLY A 166 -6.59 5.35 0.23
C GLY A 166 -6.44 4.97 -1.25
N VAL A 167 -5.40 4.21 -1.59
CA VAL A 167 -5.17 3.91 -2.99
C VAL A 167 -4.71 2.49 -3.34
N GLU A 168 -4.78 2.21 -4.64
CA GLU A 168 -4.31 0.95 -5.17
C GLU A 168 -2.79 1.00 -5.28
N ALA A 169 -2.17 -0.16 -5.11
CA ALA A 169 -0.73 -0.23 -5.20
C ALA A 169 -0.31 0.38 -6.52
N GLY A 170 0.75 1.17 -6.48
CA GLY A 170 1.35 1.78 -7.65
C GLY A 170 0.87 3.19 -7.97
N THR A 171 0.08 3.75 -7.06
CA THR A 171 -0.39 5.12 -7.17
C THR A 171 0.56 6.10 -6.46
N TYR A 172 1.13 7.04 -7.19
CA TYR A 172 2.05 8.00 -6.59
C TYR A 172 1.29 9.22 -6.03
N ILE A 173 1.32 9.43 -4.73
CA ILE A 173 0.61 10.59 -4.19
C ILE A 173 1.22 11.92 -4.69
N ARG A 174 2.54 11.95 -4.84
CA ARG A 174 3.22 13.10 -5.42
C ARG A 174 2.52 13.45 -6.74
N SER A 175 2.36 12.45 -7.60
CA SER A 175 1.71 12.64 -8.89
C SER A 175 0.24 13.07 -8.75
N LEU A 176 -0.52 12.41 -7.88
CA LEU A 176 -1.90 12.80 -7.65
C LEU A 176 -1.98 14.27 -7.33
N ILE A 177 -1.06 14.73 -6.49
CA ILE A 177 -1.11 16.09 -5.99
C ILE A 177 -0.84 17.09 -7.12
N HIS A 178 0.23 16.84 -7.88
CA HIS A 178 0.55 17.62 -9.08
C HIS A 178 -0.65 17.75 -10.04
N HIS A 179 -1.29 16.62 -10.30
CA HIS A 179 -2.43 16.59 -11.19
C HIS A 179 -3.58 17.43 -10.61
N ILE A 180 -3.80 17.33 -9.31
CA ILE A 180 -4.86 18.09 -8.68
C ILE A 180 -4.57 19.58 -8.81
N GLY A 181 -3.31 19.93 -8.61
CA GLY A 181 -2.91 21.33 -8.64
C GLY A 181 -3.10 21.88 -10.02
N LEU A 182 -2.79 21.05 -11.01
CA LEU A 182 -2.96 21.42 -12.40
C LEU A 182 -4.43 21.67 -12.64
N ALA A 183 -5.29 20.92 -11.97
CA ALA A 183 -6.74 21.01 -12.17
C ALA A 183 -7.35 22.19 -11.44
N LEU A 184 -6.55 22.81 -10.58
CA LEU A 184 -6.99 24.00 -9.86
C LEU A 184 -6.26 25.24 -10.42
N GLY A 185 -5.53 25.05 -11.52
CA GLY A 185 -4.77 26.10 -12.16
C GLY A 185 -3.46 26.50 -11.49
N VAL A 186 -3.55 26.86 -10.21
CA VAL A 186 -2.41 27.47 -9.53
C VAL A 186 -1.22 26.53 -9.43
N GLY A 187 -1.50 25.24 -9.48
CA GLY A 187 -0.47 24.23 -9.28
C GLY A 187 -0.33 23.86 -7.81
N ALA A 188 0.40 22.79 -7.54
CA ALA A 188 0.65 22.33 -6.17
C ALA A 188 1.81 21.34 -6.09
N HIS A 189 2.24 21.07 -4.86
CA HIS A 189 3.26 20.05 -4.63
C HIS A 189 3.03 19.42 -3.25
N MET A 190 3.76 18.34 -3.00
CA MET A 190 3.58 17.55 -1.80
C MET A 190 4.55 18.01 -0.72
N SER A 191 4.00 18.61 0.34
CA SER A 191 4.77 19.13 1.46
C SER A 191 5.34 17.99 2.29
N GLU A 192 4.45 17.11 2.71
CA GLU A 192 4.77 16.03 3.62
C GLU A 192 3.95 14.81 3.23
N LEU A 193 4.39 13.63 3.61
CA LEU A 193 3.64 12.40 3.33
C LEU A 193 3.92 11.32 4.35
N ARG A 194 2.87 10.78 4.96
CA ARG A 194 3.04 9.67 5.89
C ARG A 194 2.16 8.49 5.49
N ARG A 195 2.69 7.28 5.55
CA ARG A 195 1.91 6.08 5.22
C ARG A 195 1.22 5.51 6.46
N THR A 196 -0.10 5.41 6.39
CA THR A 196 -0.88 5.00 7.56
C THR A 196 -1.40 3.57 7.49
N ARG A 197 -1.25 2.95 6.32
CA ARG A 197 -1.72 1.59 6.08
C ARG A 197 -0.97 0.95 4.92
N SER A 198 -0.63 -0.32 5.06
CA SER A 198 -0.13 -1.10 3.95
C SER A 198 -0.73 -2.49 4.03
N GLY A 199 -1.73 -2.74 3.18
CA GLY A 199 -2.59 -3.89 3.32
C GLY A 199 -3.03 -4.04 4.76
N PRO A 200 -2.74 -5.20 5.35
CA PRO A 200 -3.18 -5.59 6.69
C PRO A 200 -2.52 -4.79 7.81
N PHE A 201 -1.37 -4.15 7.56
CA PHE A 201 -0.65 -3.43 8.62
C PHE A 201 -1.11 -1.97 8.74
N LYS A 202 -1.37 -1.54 9.96
CA LYS A 202 -1.88 -0.19 10.14
C LYS A 202 -1.24 0.47 11.37
N GLU A 203 -1.61 1.72 11.63
CA GLU A 203 -1.13 2.36 12.84
C GLU A 203 -1.94 1.88 14.02
N ASP A 204 -1.41 0.86 14.68
CA ASP A 204 -2.05 0.30 15.86
C ASP A 204 -0.97 -0.05 16.89
N GLU A 205 -1.35 -0.81 17.91
CA GLU A 205 -0.45 -1.17 19.00
C GLU A 205 0.79 -1.94 18.56
N THR A 206 0.73 -2.61 17.41
CA THR A 206 1.86 -3.42 16.93
C THR A 206 2.90 -2.61 16.19
N LEU A 207 2.54 -1.39 15.79
CA LEU A 207 3.45 -0.47 15.10
C LEU A 207 4.59 0.05 16.00
N ILE A 208 5.82 -0.27 15.61
CA ILE A 208 6.98 -0.01 16.45
C ILE A 208 8.07 0.79 15.75
N THR A 209 8.76 1.64 16.52
CA THR A 209 9.84 2.45 15.95
C THR A 209 11.14 1.68 15.94
N LEU A 210 12.11 2.19 15.18
CA LEU A 210 13.42 1.58 15.11
C LEU A 210 14.06 1.54 16.50
N HIS A 211 13.88 2.62 17.25
CA HIS A 211 14.42 2.72 18.61
C HIS A 211 13.90 1.62 19.54
N ASP A 212 12.57 1.46 19.59
CA ASP A 212 11.97 0.45 20.46
C ASP A 212 12.37 -0.94 19.99
N LEU A 213 12.36 -1.15 18.67
CA LEU A 213 12.70 -2.45 18.11
C LEU A 213 14.07 -2.88 18.58
N VAL A 214 15.06 -2.02 18.42
CA VAL A 214 16.41 -2.38 18.86
C VAL A 214 16.49 -2.49 20.36
N ASP A 215 15.86 -1.56 21.07
CA ASP A 215 15.90 -1.61 22.52
C ASP A 215 15.28 -2.91 23.05
N TYR A 216 14.07 -3.24 22.60
CA TYR A 216 13.44 -4.49 23.00
C TYR A 216 14.32 -5.73 22.73
N TYR A 217 14.97 -5.76 21.57
CA TYR A 217 15.91 -6.83 21.23
C TYR A 217 17.10 -6.93 22.20
N TYR A 218 17.65 -5.80 22.62
CA TYR A 218 18.71 -5.85 23.62
C TYR A 218 18.14 -6.34 24.94
N PHE A 219 16.90 -5.97 25.24
CA PHE A 219 16.25 -6.40 26.47
C PHE A 219 16.11 -7.90 26.51
N TRP A 220 16.34 -8.56 25.38
CA TRP A 220 16.18 -10.02 25.29
C TRP A 220 17.54 -10.71 25.32
N LYS A 221 18.49 -10.19 24.54
CA LYS A 221 19.83 -10.75 24.51
C LYS A 221 20.60 -10.51 25.80
N GLU A 222 20.35 -9.36 26.44
CA GLU A 222 21.11 -9.01 27.64
C GLU A 222 20.34 -9.30 28.94
N ASP A 223 19.05 -8.99 28.96
CA ASP A 223 18.25 -9.08 30.17
C ASP A 223 17.44 -10.39 30.26
N GLY A 224 17.57 -11.24 29.25
CA GLY A 224 16.81 -12.48 29.21
C GLY A 224 15.30 -12.32 29.12
N ILE A 225 14.84 -11.18 28.62
CA ILE A 225 13.41 -10.93 28.51
C ILE A 225 12.92 -11.00 27.07
N GLU A 226 11.97 -11.89 26.81
CA GLU A 226 11.52 -12.13 25.44
C GLU A 226 10.17 -11.46 25.09
N GLU A 227 9.40 -11.10 26.12
CA GLU A 227 8.08 -10.51 25.93
C GLU A 227 8.04 -9.28 25.04
N TYR A 228 8.97 -8.35 25.21
CA TYR A 228 8.91 -7.13 24.42
C TYR A 228 9.27 -7.35 22.97
N PHE A 229 10.42 -7.99 22.75
CA PHE A 229 10.89 -8.28 21.41
C PHE A 229 9.89 -9.12 20.64
N ARG A 230 9.19 -9.98 21.36
CA ARG A 230 8.20 -10.84 20.75
C ARG A 230 7.04 -10.02 20.23
N LYS A 231 6.69 -8.98 20.98
CA LYS A 231 5.55 -8.13 20.67
C LYS A 231 5.83 -7.24 19.45
N ALA A 232 7.11 -7.03 19.19
CA ALA A 232 7.56 -6.16 18.11
C ALA A 232 7.47 -6.88 16.77
N ILE A 233 7.48 -8.21 16.84
CA ILE A 233 7.48 -9.08 15.68
C ILE A 233 6.16 -9.81 15.56
N GLN A 234 5.56 -9.72 14.38
CA GLN A 234 4.28 -10.38 14.13
C GLN A 234 4.52 -11.66 13.36
N PRO A 235 3.62 -12.62 13.53
CA PRO A 235 3.55 -13.85 12.74
C PRO A 235 3.36 -13.50 11.28
N MET A 236 4.13 -14.12 10.39
CA MET A 236 4.03 -13.84 8.96
C MET A 236 2.60 -13.98 8.44
N GLU A 237 1.82 -14.85 9.08
CA GLU A 237 0.40 -14.92 8.81
C GLU A 237 -0.28 -13.53 8.68
N LYS A 238 0.07 -12.61 9.56
CA LYS A 238 -0.46 -11.25 9.49
C LYS A 238 -0.30 -10.69 8.10
N ALA A 239 0.85 -10.98 7.48
CA ALA A 239 1.18 -10.42 6.17
C ALA A 239 0.24 -10.92 5.09
N VAL A 240 -0.53 -11.94 5.44
CA VAL A 240 -1.26 -12.68 4.43
C VAL A 240 -2.75 -12.60 4.79
N GLU A 241 -3.03 -11.69 5.71
CA GLU A 241 -4.36 -11.53 6.29
C GLU A 241 -5.41 -10.93 5.34
N HIS A 242 -4.97 -10.25 4.29
CA HIS A 242 -5.88 -9.64 3.34
C HIS A 242 -6.12 -10.53 2.12
N LEU A 243 -5.34 -11.59 1.97
CA LEU A 243 -5.51 -12.50 0.82
C LEU A 243 -6.62 -13.52 1.04
N PRO A 244 -7.24 -14.00 -0.05
CA PRO A 244 -8.15 -15.15 0.04
C PRO A 244 -7.37 -16.38 0.45
N LYS A 245 -8.02 -17.23 1.25
CA LYS A 245 -7.34 -18.38 1.80
C LYS A 245 -7.96 -19.73 1.41
N VAL A 246 -7.11 -20.70 1.15
CA VAL A 246 -7.54 -22.08 1.07
C VAL A 246 -6.89 -22.82 2.23
N TRP A 247 -7.71 -23.35 3.13
CA TRP A 247 -7.24 -24.14 4.26
C TRP A 247 -7.17 -25.60 3.85
N ILE A 248 -5.98 -26.19 3.91
CA ILE A 248 -5.84 -27.59 3.54
C ILE A 248 -5.84 -28.50 4.78
N LYS A 249 -6.01 -29.79 4.55
CA LYS A 249 -5.92 -30.75 5.65
C LYS A 249 -4.51 -31.32 5.83
N ASP A 250 -4.29 -31.92 6.99
CA ASP A 250 -2.94 -32.22 7.42
C ASP A 250 -2.24 -33.18 6.48
N SER A 251 -3.03 -34.09 5.92
CA SER A 251 -2.61 -35.05 4.90
C SER A 251 -1.95 -34.38 3.69
N ALA A 252 -2.23 -33.09 3.48
CA ALA A 252 -1.79 -32.40 2.26
C ALA A 252 -0.61 -31.49 2.51
N VAL A 253 -0.38 -31.11 3.76
CA VAL A 253 0.64 -30.12 4.07
C VAL A 253 2.06 -30.51 3.62
N ALA A 254 2.53 -31.72 3.96
CA ALA A 254 3.89 -32.06 3.60
C ALA A 254 4.06 -32.22 2.08
N ALA A 255 3.00 -32.66 1.41
CA ALA A 255 3.02 -32.71 -0.05
C ALA A 255 3.33 -31.33 -0.62
N VAL A 256 2.65 -30.31 -0.12
CA VAL A 256 2.89 -28.97 -0.61
C VAL A 256 4.32 -28.48 -0.31
N THR A 257 4.78 -28.68 0.93
CA THR A 257 6.12 -28.24 1.31
C THR A 257 7.22 -29.02 0.56
N HIS A 258 6.86 -30.16 -0.01
CA HIS A 258 7.79 -30.98 -0.78
C HIS A 258 7.64 -30.76 -2.30
N GLY A 259 6.87 -29.73 -2.67
CA GLY A 259 6.78 -29.30 -4.06
C GLY A 259 5.60 -29.81 -4.89
N ALA A 260 4.60 -30.40 -4.25
CA ALA A 260 3.38 -30.70 -4.97
C ALA A 260 2.49 -29.44 -5.02
N ASP A 261 1.75 -29.29 -6.12
CA ASP A 261 0.71 -28.28 -6.19
C ASP A 261 -0.48 -28.81 -5.36
N LEU A 262 -1.37 -27.92 -4.95
CA LEU A 262 -2.48 -28.33 -4.11
C LEU A 262 -3.64 -28.86 -4.92
N ALA A 263 -3.95 -30.14 -4.74
CA ALA A 263 -5.09 -30.76 -5.42
C ALA A 263 -6.40 -30.59 -4.63
N VAL A 264 -7.50 -30.50 -5.34
CA VAL A 264 -8.85 -30.36 -4.77
C VAL A 264 -9.16 -31.17 -3.49
N PRO A 265 -8.85 -32.49 -3.50
CA PRO A 265 -9.13 -33.35 -2.35
C PRO A 265 -8.41 -32.96 -1.04
N GLY A 266 -7.37 -32.15 -1.12
CA GLY A 266 -6.64 -31.78 0.08
C GLY A 266 -7.29 -30.62 0.80
N ILE A 267 -8.31 -30.06 0.16
CA ILE A 267 -8.96 -28.87 0.67
C ILE A 267 -9.98 -29.14 1.76
N ALA A 268 -9.86 -28.43 2.87
CA ALA A 268 -10.84 -28.49 3.94
C ALA A 268 -11.87 -27.37 3.81
N LYS A 269 -11.40 -26.16 3.49
CA LYS A 269 -12.28 -25.02 3.40
C LYS A 269 -11.58 -23.86 2.73
N LEU A 270 -12.37 -22.95 2.16
CA LEU A 270 -11.82 -21.86 1.37
C LEU A 270 -12.71 -20.62 1.44
N HIS A 271 -12.13 -19.48 1.13
CA HIS A 271 -12.87 -18.25 0.89
C HIS A 271 -13.69 -18.26 -0.41
N ALA A 272 -14.86 -17.63 -0.37
CA ALA A 272 -15.68 -17.52 -1.57
C ALA A 272 -15.09 -16.46 -2.49
N GLY A 273 -15.43 -16.54 -3.77
CA GLY A 273 -15.05 -15.51 -4.71
C GLY A 273 -13.60 -15.49 -5.14
N ILE A 274 -12.96 -16.65 -5.14
CA ILE A 274 -11.62 -16.75 -5.70
C ILE A 274 -11.73 -16.96 -7.21
N LYS A 275 -11.09 -16.07 -7.96
CA LYS A 275 -11.05 -16.20 -9.40
C LYS A 275 -9.77 -16.92 -9.81
N ARG A 276 -9.81 -17.66 -10.93
CA ARG A 276 -8.60 -18.28 -11.42
C ARG A 276 -7.53 -17.25 -11.74
N GLY A 277 -6.35 -17.45 -11.17
CA GLY A 277 -5.26 -16.53 -11.37
C GLY A 277 -5.03 -15.62 -10.18
N ASP A 278 -5.96 -15.64 -9.23
CA ASP A 278 -5.82 -14.82 -8.03
C ASP A 278 -4.70 -15.31 -7.14
N LEU A 279 -4.16 -14.40 -6.32
CA LEU A 279 -3.18 -14.78 -5.33
C LEU A 279 -3.89 -15.38 -4.11
N VAL A 280 -3.54 -16.61 -3.77
CA VAL A 280 -4.15 -17.23 -2.62
C VAL A 280 -3.11 -17.65 -1.57
N ALA A 281 -3.49 -17.55 -0.30
CA ALA A 281 -2.69 -18.08 0.79
C ALA A 281 -3.22 -19.44 1.17
N ILE A 282 -2.37 -20.47 1.04
CA ILE A 282 -2.71 -21.82 1.50
C ILE A 282 -2.40 -21.97 2.99
N MET A 283 -3.43 -22.28 3.78
CA MET A 283 -3.27 -22.39 5.21
C MET A 283 -3.53 -23.78 5.80
N THR A 284 -2.74 -24.09 6.80
CA THR A 284 -2.98 -25.19 7.72
C THR A 284 -4.32 -25.00 8.42
N LEU A 285 -4.92 -26.06 8.97
CA LEU A 285 -6.16 -25.92 9.74
C LEU A 285 -5.95 -25.30 11.11
N LYS A 286 -4.69 -25.05 11.46
CA LYS A 286 -4.31 -24.29 12.65
C LYS A 286 -3.96 -22.86 12.24
N ASP A 287 -4.25 -22.53 10.99
CA ASP A 287 -4.00 -21.19 10.48
C ASP A 287 -2.52 -20.82 10.42
N GLU A 288 -1.68 -21.80 10.10
CA GLU A 288 -0.33 -21.49 9.67
C GLU A 288 -0.30 -21.17 8.17
N LEU A 289 0.56 -20.25 7.77
CA LEU A 289 0.79 -19.98 6.37
C LEU A 289 1.63 -21.13 5.86
N VAL A 290 1.08 -21.95 4.98
CA VAL A 290 1.88 -22.99 4.34
C VAL A 290 2.57 -22.42 3.10
N ALA A 291 1.81 -21.74 2.26
CA ALA A 291 2.36 -21.25 1.00
C ALA A 291 1.47 -20.27 0.24
N LEU A 292 2.08 -19.51 -0.64
CA LEU A 292 1.36 -18.68 -1.59
C LEU A 292 1.32 -19.36 -2.97
N GLY A 293 0.21 -19.18 -3.69
CA GLY A 293 0.08 -19.71 -5.05
C GLY A 293 -0.95 -19.00 -5.92
N LYS A 294 -1.00 -19.35 -7.21
CA LYS A 294 -2.02 -18.82 -8.10
C LYS A 294 -3.16 -19.81 -8.16
N ALA A 295 -4.39 -19.32 -8.05
CA ALA A 295 -5.55 -20.20 -8.15
C ALA A 295 -5.75 -20.69 -9.60
N MET A 296 -5.88 -22.00 -9.74
CA MET A 296 -6.18 -22.60 -11.04
C MET A 296 -7.66 -22.91 -11.16
N MET A 297 -8.44 -22.56 -10.14
CA MET A 297 -9.88 -22.78 -10.16
C MET A 297 -10.53 -21.66 -9.41
N THR A 298 -11.84 -21.60 -9.51
CA THR A 298 -12.64 -20.65 -8.75
C THR A 298 -13.04 -21.31 -7.45
N SER A 299 -13.41 -20.49 -6.48
CA SER A 299 -14.03 -21.02 -5.27
C SER A 299 -15.06 -22.08 -5.64
N GLN A 300 -15.94 -21.78 -6.59
CA GLN A 300 -16.96 -22.74 -7.01
C GLN A 300 -16.37 -24.07 -7.48
N GLU A 301 -15.56 -24.03 -8.54
CA GLU A 301 -14.93 -25.23 -9.04
C GLU A 301 -14.22 -26.00 -7.93
N MET A 302 -13.46 -25.29 -7.09
CA MET A 302 -12.78 -25.95 -5.97
C MET A 302 -13.78 -26.67 -5.07
N LEU A 303 -14.90 -26.01 -4.81
CA LEU A 303 -15.92 -26.53 -3.92
C LEU A 303 -16.63 -27.77 -4.49
N GLU A 304 -17.09 -27.65 -5.74
CA GLU A 304 -17.87 -28.71 -6.38
C GLU A 304 -16.99 -29.85 -6.86
N LYS A 305 -15.92 -29.55 -7.58
CA LYS A 305 -15.05 -30.60 -8.12
C LYS A 305 -14.56 -31.55 -7.04
N THR A 306 -14.04 -32.68 -7.48
CA THR A 306 -13.72 -33.77 -6.60
C THR A 306 -12.27 -34.21 -6.83
N LYS A 307 -11.75 -33.82 -7.99
CA LYS A 307 -10.33 -34.00 -8.31
C LYS A 307 -9.83 -32.83 -9.17
N GLY A 308 -8.52 -32.77 -9.40
CA GLY A 308 -7.94 -31.67 -10.14
C GLY A 308 -7.00 -30.82 -9.32
N ILE A 309 -6.34 -29.87 -9.97
CA ILE A 309 -5.42 -28.99 -9.26
C ILE A 309 -6.06 -27.65 -8.95
N ALA A 310 -6.18 -27.34 -7.67
CA ALA A 310 -6.85 -26.12 -7.23
C ALA A 310 -5.92 -24.93 -7.22
N VAL A 311 -4.66 -25.13 -6.85
CA VAL A 311 -3.73 -24.03 -6.66
C VAL A 311 -2.33 -24.40 -7.10
N ASP A 312 -1.73 -23.59 -7.97
CA ASP A 312 -0.33 -23.77 -8.34
C ASP A 312 0.56 -23.11 -7.29
N VAL A 313 1.24 -23.94 -6.51
CA VAL A 313 2.11 -23.46 -5.44
C VAL A 313 3.32 -22.72 -6.02
N GLU A 314 3.48 -21.47 -5.60
CA GLU A 314 4.53 -20.60 -6.12
C GLU A 314 5.66 -20.36 -5.12
N LYS A 315 5.29 -19.98 -3.91
CA LYS A 315 6.28 -19.80 -2.83
C LYS A 315 5.92 -20.65 -1.60
N VAL A 316 6.85 -21.49 -1.13
CA VAL A 316 6.62 -22.28 0.10
C VAL A 316 7.34 -21.68 1.30
N PHE A 317 6.66 -21.59 2.45
CA PHE A 317 7.25 -20.95 3.66
C PHE A 317 7.45 -21.91 4.81
N MET A 318 6.61 -22.94 4.87
CA MET A 318 6.62 -23.84 5.98
C MET A 318 7.68 -24.92 5.76
N PRO A 319 8.49 -25.16 6.77
CA PRO A 319 9.51 -26.21 6.84
C PRO A 319 8.97 -27.62 6.51
N ARG A 320 9.71 -28.31 5.66
CA ARG A 320 9.35 -29.63 5.14
C ARG A 320 8.98 -30.64 6.24
N ASP A 321 9.37 -30.34 7.48
CA ASP A 321 9.33 -31.32 8.55
C ASP A 321 8.33 -31.05 9.68
N TRP A 322 7.40 -30.13 9.51
CA TRP A 322 6.46 -29.84 10.59
C TRP A 322 5.30 -30.81 10.56
N TYR A 323 5.00 -31.29 9.36
CA TYR A 323 3.93 -32.26 9.19
C TYR A 323 4.52 -33.52 8.53
N PRO A 324 4.05 -34.70 8.92
CA PRO A 324 4.69 -35.87 8.29
C PRO A 324 4.28 -36.10 6.83
N LYS A 325 5.16 -36.70 6.07
CA LYS A 325 4.81 -37.17 4.73
C LYS A 325 3.67 -38.22 4.85
N LEU A 326 2.49 -37.87 4.34
CA LEU A 326 1.30 -38.71 4.50
C LEU A 326 0.73 -39.25 3.20
N TRP A 327 1.40 -38.98 2.09
CA TRP A 327 0.81 -39.26 0.78
C TRP A 327 1.13 -40.64 0.22
N GLU A 328 0.64 -40.87 -1.01
CA GLU A 328 0.82 -42.11 -1.77
C GLU A 328 0.12 -43.29 -1.12
N ARG B 1 4.13 21.14 9.05
CA ARG B 1 4.37 19.79 9.58
C ARG B 1 3.05 19.12 9.96
N ILE B 2 2.94 17.84 9.61
CA ILE B 2 1.78 17.05 9.95
C ILE B 2 1.89 16.61 11.40
N ARG B 3 0.95 17.05 12.21
CA ARG B 3 0.93 16.67 13.62
C ARG B 3 -0.06 15.54 13.87
N LYS B 4 0.13 14.84 14.98
CA LYS B 4 -0.72 13.74 15.38
C LYS B 4 -1.14 13.94 16.84
N CYS B 5 -2.36 13.54 17.16
CA CYS B 5 -2.93 13.72 18.49
C CYS B 5 -2.88 12.41 19.26
N PRO B 6 -2.08 12.37 20.35
CA PRO B 6 -1.73 11.20 21.17
C PRO B 6 -2.91 10.49 21.83
N LYS B 7 -4.04 11.18 21.96
CA LYS B 7 -5.23 10.58 22.59
C LYS B 7 -6.20 9.99 21.55
N CYS B 8 -6.72 10.86 20.66
CA CYS B 8 -7.71 10.46 19.64
C CYS B 8 -7.09 9.74 18.43
N GLY B 9 -5.80 9.95 18.23
CA GLY B 9 -5.11 9.43 17.05
C GLY B 9 -5.21 10.39 15.88
N ARG B 10 -6.27 11.19 15.88
CA ARG B 10 -6.59 12.14 14.80
C ARG B 10 -5.40 12.96 14.27
N TYR B 11 -5.39 13.15 12.96
CA TYR B 11 -4.33 13.86 12.25
C TYR B 11 -4.66 15.33 12.04
N THR B 12 -3.70 16.21 12.29
CA THR B 12 -3.97 17.62 12.18
C THR B 12 -2.72 18.48 11.98
N LEU B 13 -2.97 19.72 11.56
CA LEU B 13 -1.94 20.69 11.24
C LEU B 13 -1.74 21.54 12.49
N LYS B 14 -2.72 21.48 13.37
CA LYS B 14 -2.82 22.34 14.55
C LYS B 14 -2.06 21.82 15.79
N GLU B 15 -1.89 22.70 16.78
CA GLU B 15 -1.12 22.37 17.97
C GLU B 15 -2.02 21.76 19.05
N VAL B 16 -3.32 21.73 18.80
CA VAL B 16 -4.27 21.20 19.79
C VAL B 16 -5.39 20.35 19.19
N CYS B 17 -5.35 19.05 19.46
CA CYS B 17 -6.37 18.08 19.02
C CYS B 17 -7.76 18.72 19.08
N PRO B 18 -8.38 18.93 17.91
CA PRO B 18 -9.74 19.45 17.79
C PRO B 18 -10.78 18.36 18.01
N VAL B 19 -10.35 17.23 18.58
CA VAL B 19 -11.24 16.10 18.80
C VAL B 19 -10.97 15.47 20.17
N CYS B 20 -9.79 15.74 20.74
CA CYS B 20 -9.43 15.22 22.06
C CYS B 20 -8.80 16.27 23.01
N GLY B 21 -8.77 17.54 22.57
CA GLY B 21 -8.31 18.64 23.41
C GLY B 21 -6.84 18.69 23.79
N GLU B 22 -6.12 17.57 23.57
CA GLU B 22 -4.74 17.40 23.99
C GLU B 22 -3.72 18.12 23.11
N LYS B 23 -2.51 18.36 23.63
CA LYS B 23 -1.40 18.89 22.83
C LYS B 23 -0.85 17.85 21.84
N THR B 24 -0.52 18.28 20.63
CA THR B 24 -0.08 17.34 19.59
C THR B 24 1.43 17.32 19.34
N LYS B 25 1.91 16.16 18.93
CA LYS B 25 3.31 15.97 18.59
C LYS B 25 3.40 15.73 17.09
N VAL B 26 4.61 15.81 16.54
CA VAL B 26 4.83 15.48 15.14
C VAL B 26 4.51 14.00 14.86
N ALA B 27 3.95 13.74 13.68
CA ALA B 27 3.49 12.40 13.31
C ALA B 27 4.65 11.44 13.02
N HIS B 28 5.67 11.97 12.34
CA HIS B 28 6.89 11.25 12.06
C HIS B 28 7.60 10.80 13.34
N PRO B 29 8.18 9.60 13.31
CA PRO B 29 8.97 9.15 14.46
C PRO B 29 10.26 9.92 14.43
N PRO B 30 11.17 9.66 15.37
CA PRO B 30 12.48 10.33 15.40
C PRO B 30 13.56 9.67 14.53
N ARG B 31 14.54 10.47 14.10
CA ARG B 31 15.69 9.98 13.33
C ARG B 31 16.35 8.83 14.07
N PHE B 32 17.10 8.01 13.34
CA PHE B 32 17.82 6.90 13.96
C PHE B 32 19.26 6.81 13.46
N SER B 33 20.21 7.01 14.35
CA SER B 33 21.61 6.83 14.01
C SER B 33 21.86 5.34 13.98
N PRO B 34 22.36 4.82 12.85
CA PRO B 34 22.57 3.39 12.60
C PRO B 34 23.64 2.77 13.50
N GLU B 35 24.58 3.57 13.99
CA GLU B 35 25.55 3.12 14.99
C GLU B 35 24.99 3.42 16.36
N ASP B 36 23.88 4.17 16.38
CA ASP B 36 23.12 4.41 17.60
C ASP B 36 24.06 4.80 18.72
N PRO B 37 24.70 5.97 18.58
CA PRO B 37 25.80 6.43 19.41
C PRO B 37 25.46 6.30 20.89
N TYR B 38 24.22 6.63 21.21
CA TYR B 38 23.80 6.73 22.61
C TYR B 38 22.66 5.76 22.93
N GLY B 39 22.78 4.55 22.40
CA GLY B 39 21.78 3.51 22.59
C GLY B 39 21.82 2.90 23.98
N GLU B 40 22.99 2.51 24.45
CA GLU B 40 23.10 1.97 25.81
C GLU B 40 22.67 3.03 26.83
N TYR B 41 22.72 4.29 26.42
CA TYR B 41 22.23 5.39 27.26
C TYR B 41 20.70 5.40 27.31
N ARG B 42 20.07 5.42 26.14
CA ARG B 42 18.61 5.39 26.04
C ARG B 42 18.05 4.14 26.72
N ARG B 43 18.78 3.04 26.61
CA ARG B 43 18.39 1.77 27.19
C ARG B 43 18.45 1.79 28.71
N ARG B 44 19.33 2.64 29.24
CA ARG B 44 19.54 2.74 30.68
C ARG B 44 18.29 3.29 31.38
N TRP B 45 17.72 4.38 30.87
CA TRP B 45 16.50 4.95 31.46
C TRP B 45 15.25 4.22 31.01
N LYS B 46 15.32 3.55 29.87
CA LYS B 46 14.20 2.75 29.40
C LYS B 46 13.98 1.61 30.38
N ARG B 47 15.06 1.00 30.85
CA ARG B 47 14.92 -0.13 31.77
C ARG B 47 14.17 0.25 33.03
N GLU B 48 14.20 1.52 33.40
CA GLU B 48 13.63 1.97 34.67
C GLU B 48 12.21 2.56 34.54
N VAL B 49 11.62 2.47 33.36
CA VAL B 49 10.23 2.91 33.20
C VAL B 49 9.36 1.73 32.78
N LEU B 50 10.01 0.58 32.59
CA LEU B 50 9.32 -0.67 32.32
C LEU B 50 9.50 -1.61 33.52
N GLY B 51 10.37 -1.24 34.45
CA GLY B 51 10.63 -2.02 35.65
C GLY B 51 11.69 -3.08 35.46
N ILE B 52 12.66 -2.80 34.58
CA ILE B 52 13.70 -3.76 34.24
C ILE B 52 15.02 -3.43 34.91
N MET C 1 -10.85 15.36 -36.84
CA MET C 1 -11.39 16.40 -35.97
C MET C 1 -12.12 15.78 -34.79
N LYS C 2 -11.45 15.79 -33.63
CA LYS C 2 -11.97 15.14 -32.46
C LYS C 2 -12.09 16.14 -31.32
N ARG C 3 -13.31 16.64 -31.16
CA ARG C 3 -13.56 17.67 -30.17
C ARG C 3 -13.14 17.28 -28.77
N LEU C 4 -12.21 18.07 -28.22
CA LEU C 4 -11.76 17.94 -26.84
C LEU C 4 -12.76 18.56 -25.86
N GLY C 5 -12.92 19.87 -25.92
CA GLY C 5 -13.83 20.59 -25.04
C GLY C 5 -13.38 22.02 -24.83
N LYS C 6 -14.01 22.73 -23.89
CA LYS C 6 -13.61 24.11 -23.57
C LYS C 6 -12.32 24.16 -22.74
N VAL C 7 -11.46 25.14 -23.03
CA VAL C 7 -10.30 25.37 -22.16
C VAL C 7 -10.79 25.96 -20.83
N LEU C 8 -10.66 25.17 -19.78
CA LEU C 8 -11.02 25.63 -18.45
C LEU C 8 -10.23 26.86 -18.03
N HIS C 9 -8.91 26.82 -18.20
CA HIS C 9 -8.04 27.86 -17.67
C HIS C 9 -6.61 27.69 -18.18
N TYR C 10 -5.78 28.70 -17.98
CA TYR C 10 -4.37 28.54 -18.23
C TYR C 10 -3.71 28.31 -16.89
N ALA C 11 -2.97 27.23 -16.76
CA ALA C 11 -2.37 26.92 -15.48
C ALA C 11 -1.03 27.61 -15.37
N LYS C 12 -0.69 28.05 -14.16
CA LYS C 12 0.57 28.74 -13.94
C LYS C 12 1.76 27.94 -14.46
N GLN C 13 1.69 26.60 -14.39
CA GLN C 13 2.83 25.81 -14.86
C GLN C 13 2.94 25.86 -16.37
N GLY C 14 2.07 26.65 -17.00
CA GLY C 14 2.14 26.88 -18.43
C GLY C 14 1.48 25.80 -19.24
N PHE C 15 0.20 25.58 -18.98
CA PHE C 15 -0.57 24.54 -19.65
C PHE C 15 -2.01 24.94 -19.77
N LEU C 16 -2.58 24.82 -20.96
CA LEU C 16 -4.03 24.90 -21.10
C LEU C 16 -4.67 23.60 -20.61
N ILE C 17 -5.72 23.74 -19.82
CA ILE C 17 -6.36 22.59 -19.22
C ILE C 17 -7.81 22.45 -19.70
N VAL C 18 -8.12 21.32 -20.32
CA VAL C 18 -9.46 21.00 -20.81
C VAL C 18 -10.03 19.76 -20.12
N ARG C 19 -11.31 19.82 -19.74
CA ARG C 19 -11.94 18.59 -19.27
C ARG C 19 -12.59 17.95 -20.50
N THR C 20 -12.51 16.63 -20.61
CA THR C 20 -13.09 15.98 -21.78
C THR C 20 -13.69 14.61 -21.45
N ASN C 21 -14.19 13.91 -22.47
CA ASN C 21 -14.83 12.61 -22.28
C ASN C 21 -14.15 11.48 -23.04
N TRP C 22 -12.88 11.67 -23.37
CA TRP C 22 -12.09 10.58 -23.89
C TRP C 22 -10.61 10.78 -23.57
N VAL C 23 -9.79 9.83 -24.00
CA VAL C 23 -8.36 9.87 -23.72
C VAL C 23 -7.49 10.10 -24.95
N PRO C 24 -7.04 11.36 -25.15
CA PRO C 24 -6.07 11.76 -26.16
C PRO C 24 -4.76 11.03 -25.89
N SER C 25 -3.99 10.78 -26.94
CA SER C 25 -2.67 10.18 -26.77
C SER C 25 -1.67 11.28 -26.51
N LEU C 26 -0.54 10.93 -25.90
CA LEU C 26 0.52 11.90 -25.66
C LEU C 26 1.01 12.41 -27.00
N ASN C 27 1.12 13.73 -27.11
CA ASN C 27 1.67 14.39 -28.30
C ASN C 27 0.71 14.59 -29.46
N ASP C 28 -0.58 14.33 -29.24
CA ASP C 28 -1.55 14.67 -30.25
C ASP C 28 -1.50 16.19 -30.49
N ARG C 29 -1.73 16.59 -31.74
CA ARG C 29 -1.73 18.00 -32.07
C ARG C 29 -3.11 18.61 -31.77
N VAL C 30 -3.11 19.85 -31.27
CA VAL C 30 -4.35 20.49 -30.85
C VAL C 30 -4.63 21.78 -31.66
N VAL C 31 -5.89 21.97 -32.07
CA VAL C 31 -6.30 23.10 -32.91
C VAL C 31 -7.57 23.80 -32.40
N ASP C 32 -7.80 25.05 -32.83
CA ASP C 32 -9.04 25.77 -32.47
C ASP C 32 -10.12 25.57 -33.52
N LYS C 33 -11.26 26.24 -33.34
CA LYS C 33 -12.36 26.05 -34.28
C LYS C 33 -12.03 26.55 -35.69
N ARG C 34 -11.25 27.63 -35.77
CA ARG C 34 -10.81 28.15 -37.07
C ARG C 34 -9.64 27.30 -37.64
N LEU C 35 -9.27 26.27 -36.89
CA LEU C 35 -8.38 25.19 -37.37
C LEU C 35 -6.86 25.40 -37.20
N GLN C 36 -6.47 26.39 -36.40
CA GLN C 36 -5.06 26.76 -36.23
C GLN C 36 -4.31 26.01 -35.09
N PHE C 37 -3.02 25.78 -35.31
CA PHE C 37 -2.13 25.04 -34.39
C PHE C 37 -2.07 25.76 -33.04
N VAL C 38 -2.34 25.05 -31.95
CA VAL C 38 -2.36 25.66 -30.63
C VAL C 38 -1.36 25.05 -29.65
N GLY C 39 -1.08 23.77 -29.81
CA GLY C 39 -0.10 23.12 -28.97
C GLY C 39 -0.19 21.62 -29.04
N ILE C 40 0.36 20.96 -28.03
CA ILE C 40 0.35 19.49 -27.99
C ILE C 40 -0.03 18.92 -26.63
N VAL C 41 -0.76 17.80 -26.65
CA VAL C 41 -1.15 17.10 -25.44
C VAL C 41 0.09 16.58 -24.72
N LYS C 42 0.26 16.95 -23.45
CA LYS C 42 1.46 16.55 -22.71
C LYS C 42 1.13 15.70 -21.51
N ASP C 43 -0.12 15.76 -21.07
CA ASP C 43 -0.57 14.96 -19.95
C ASP C 43 -2.06 14.73 -20.03
N VAL C 44 -2.50 13.54 -19.66
CA VAL C 44 -3.92 13.25 -19.49
C VAL C 44 -4.08 12.68 -18.10
N PHE C 45 -5.12 13.08 -17.39
CA PHE C 45 -5.20 12.69 -15.98
C PHE C 45 -6.59 12.95 -15.44
N GLY C 46 -6.87 12.46 -14.22
CA GLY C 46 -8.19 12.52 -13.64
C GLY C 46 -8.99 11.24 -13.93
N PRO C 47 -10.30 11.29 -13.73
CA PRO C 47 -11.25 10.21 -13.99
C PRO C 47 -11.19 9.73 -15.45
N VAL C 48 -11.04 8.43 -15.67
CA VAL C 48 -10.98 7.87 -17.03
C VAL C 48 -12.19 8.24 -17.86
N LYS C 49 -13.37 8.18 -17.26
CA LYS C 49 -14.59 8.54 -18.00
C LYS C 49 -14.65 10.04 -18.37
N MET C 50 -13.96 10.88 -17.62
CA MET C 50 -13.98 12.33 -17.84
C MET C 50 -12.62 12.98 -17.53
N PRO C 51 -11.60 12.71 -18.35
CA PRO C 51 -10.23 13.16 -18.09
C PRO C 51 -10.03 14.68 -18.21
N TYR C 52 -9.07 15.20 -17.45
CA TYR C 52 -8.45 16.52 -17.67
C TYR C 52 -7.35 16.32 -18.69
N VAL C 53 -7.12 17.34 -19.51
CA VAL C 53 -6.02 17.28 -20.46
C VAL C 53 -5.10 18.51 -20.34
N ALA C 54 -3.80 18.29 -20.39
CA ALA C 54 -2.82 19.36 -20.28
C ALA C 54 -2.13 19.56 -21.61
N ILE C 55 -2.27 20.77 -22.15
CA ILE C 55 -1.72 21.09 -23.46
C ILE C 55 -0.59 22.12 -23.34
N LYS C 56 0.55 21.81 -23.95
CA LYS C 56 1.67 22.75 -24.03
C LYS C 56 1.41 23.68 -25.19
N PRO C 57 1.20 24.98 -24.90
CA PRO C 57 0.83 25.95 -25.94
C PRO C 57 2.06 26.30 -26.76
N LYS C 58 2.01 25.97 -28.04
CA LYS C 58 3.09 26.30 -28.98
C LYS C 58 2.76 27.65 -29.63
N VAL C 59 2.09 28.52 -28.88
CA VAL C 59 1.60 29.80 -29.38
C VAL C 59 1.98 30.93 -28.44
N SER C 60 2.17 32.11 -29.01
CA SER C 60 2.70 33.28 -28.31
C SER C 60 2.01 33.56 -26.98
N ASN C 61 0.74 33.94 -27.03
CA ASN C 61 -0.01 34.17 -25.81
C ASN C 61 -1.23 33.27 -25.74
N PRO C 62 -1.20 32.30 -24.81
CA PRO C 62 -2.20 31.24 -24.65
C PRO C 62 -3.38 31.67 -23.79
N GLU C 63 -3.14 32.61 -22.88
CA GLU C 63 -4.15 33.07 -21.95
C GLU C 63 -5.43 33.54 -22.66
N ILE C 64 -5.37 33.58 -23.98
CA ILE C 64 -6.48 34.09 -24.78
C ILE C 64 -7.32 32.94 -25.31
N TYR C 65 -6.97 31.72 -24.93
CA TYR C 65 -7.70 30.55 -25.40
C TYR C 65 -8.68 30.01 -24.38
N VAL C 66 -8.70 30.58 -23.17
CA VAL C 66 -9.68 30.15 -22.18
C VAL C 66 -11.07 30.42 -22.73
N GLY C 67 -11.99 29.49 -22.49
CA GLY C 67 -13.34 29.63 -23.01
C GLY C 67 -13.47 29.01 -24.37
N GLU C 68 -12.34 28.82 -25.05
CA GLU C 68 -12.33 28.28 -26.41
C GLU C 68 -12.35 26.74 -26.49
N VAL C 69 -13.09 26.21 -27.46
CA VAL C 69 -13.16 24.78 -27.69
C VAL C 69 -11.99 24.35 -28.55
N LEU C 70 -11.21 23.40 -28.05
CA LEU C 70 -10.06 22.87 -28.78
C LEU C 70 -10.37 21.48 -29.30
N TYR C 71 -9.62 21.07 -30.33
CA TYR C 71 -9.86 19.84 -31.07
C TYR C 71 -8.55 19.08 -31.24
N VAL C 72 -8.60 17.75 -31.24
CA VAL C 72 -7.43 17.00 -31.64
C VAL C 72 -7.50 16.70 -33.14
N ASP C 73 -6.35 16.65 -33.78
CA ASP C 73 -6.27 16.47 -35.22
C ASP C 73 -5.40 15.27 -35.60
N GLU C 74 -6.02 14.11 -35.81
CA GLU C 74 -5.34 12.91 -36.31
C GLU C 74 -4.51 13.22 -37.55
N ARG C 75 -5.22 13.57 -38.62
CA ARG C 75 -4.62 14.05 -39.87
C ARG C 75 -5.71 14.72 -40.69
#